data_3DF7
#
_entry.id   3DF7
#
_cell.length_a   41.492
_cell.length_b   60.450
_cell.length_c   119.690
_cell.angle_alpha   90.00
_cell.angle_beta   90.00
_cell.angle_gamma   90.00
#
_symmetry.space_group_name_H-M   'P 21 21 21'
#
loop_
_entity.id
_entity.type
_entity.pdbx_description
1 polymer 'Putative ATP-grasp superfamily protein'
2 non-polymer 'ACETATE ION'
3 water water
#
_entity_poly.entity_id   1
_entity_poly.type   'polypeptide(L)'
_entity_poly.pdbx_seq_one_letter_code
;SLKLFLFEFATCGERIEDSTAVEGLA(MSE)FKSAFDGFKNYYEITGFVRPEFSCLFTLPVDS(MSE)DS(MSE)EKYLE
KSDAFLIIAPEDDFLLYTLTKKAEKYCENLGSSSRAIAVTSDKWELYKKLRGEVQVPQTSLRPLDCKFIIKPRTACAGEG
IGFSDEVPDGHIAQEFIEGINLSVSLAVGEDVKCLSVNEQIINNFRYAGAVVPARISDEVKREVVEEAVRAVECVEGLNG
YVGVDIVYSDQPYVIEINARLTTPVVAFSRAYGASVADLLAGGEVKHVRRQ(MSE)VRKSKSAEKPYVSVGDYTLEIIDL
D
;
_entity_poly.pdbx_strand_id   A
#
loop_
_chem_comp.id
_chem_comp.type
_chem_comp.name
_chem_comp.formula
ACT non-polymer 'ACETATE ION' 'C2 H3 O2 -1'
#
# COMPACT_ATOMS: atom_id res chain seq x y z
N SER A 1 -10.15 14.08 22.43
CA SER A 1 -8.85 13.34 22.40
C SER A 1 -9.04 11.91 21.93
N LEU A 2 -9.08 11.73 20.62
CA LEU A 2 -9.26 10.41 20.03
C LEU A 2 -7.94 9.66 19.94
N LYS A 3 -7.91 8.45 20.47
CA LYS A 3 -6.71 7.63 20.46
C LYS A 3 -6.66 6.73 19.22
N LEU A 4 -5.57 6.83 18.46
CA LEU A 4 -5.42 6.00 17.28
C LEU A 4 -4.32 4.96 17.49
N PHE A 5 -4.69 3.69 17.43
CA PHE A 5 -3.70 2.63 17.56
C PHE A 5 -3.10 2.49 16.17
N LEU A 6 -1.82 2.86 16.03
CA LEU A 6 -1.12 2.78 14.76
C LEU A 6 -0.13 1.62 14.81
N PHE A 7 -0.22 0.72 13.83
CA PHE A 7 0.65 -0.44 13.79
C PHE A 7 1.09 -0.81 12.37
N GLU A 8 2.39 -1.01 12.18
CA GLU A 8 2.92 -1.42 10.88
C GLU A 8 3.79 -2.65 11.19
N PHE A 9 3.59 -3.71 10.42
CA PHE A 9 4.29 -4.99 10.68
C PHE A 9 5.81 -4.99 10.82
N ALA A 10 6.52 -4.40 9.87
CA ALA A 10 7.98 -4.39 9.95
C ALA A 10 8.52 -3.59 11.14
N THR A 11 7.85 -2.49 11.46
CA THR A 11 8.27 -1.61 12.54
C THR A 11 7.83 -2.06 13.94
N CYS A 12 6.69 -2.74 14.02
CA CYS A 12 6.13 -3.15 15.30
C CYS A 12 5.89 -4.65 15.50
N GLY A 13 5.96 -5.43 14.42
CA GLY A 13 5.68 -6.85 14.55
C GLY A 13 6.89 -7.77 14.56
N GLU A 14 6.91 -8.70 13.60
CA GLU A 14 8.00 -9.66 13.47
C GLU A 14 9.11 -9.06 12.61
N ARG A 15 10.32 -9.59 12.75
CA ARG A 15 11.42 -9.08 11.96
C ARG A 15 11.30 -9.66 10.55
N ILE A 16 11.41 -8.81 9.55
CA ILE A 16 11.33 -9.24 8.16
C ILE A 16 12.61 -8.76 7.47
N GLU A 17 12.88 -9.26 6.27
CA GLU A 17 14.08 -8.85 5.55
C GLU A 17 14.14 -7.33 5.42
N ASP A 18 15.34 -6.77 5.59
CA ASP A 18 15.55 -5.33 5.53
C ASP A 18 15.00 -4.64 4.28
N SER A 19 15.12 -5.30 3.14
CA SER A 19 14.65 -4.74 1.88
C SER A 19 13.19 -4.31 1.97
N THR A 20 12.36 -5.18 2.53
CA THR A 20 10.94 -4.91 2.68
C THR A 20 10.68 -4.07 3.92
N ALA A 21 11.49 -4.29 4.95
CA ALA A 21 11.35 -3.56 6.21
C ALA A 21 11.54 -2.06 6.04
N VAL A 22 12.44 -1.65 5.16
CA VAL A 22 12.68 -0.23 4.98
C VAL A 22 11.42 0.49 4.48
N GLU A 23 10.63 -0.19 3.65
CA GLU A 23 9.39 0.40 3.15
C GLU A 23 8.36 0.49 4.26
N GLY A 24 8.24 -0.57 5.06
CA GLY A 24 7.29 -0.55 6.15
C GLY A 24 7.63 0.53 7.16
N LEU A 25 8.92 0.65 7.49
CA LEU A 25 9.38 1.65 8.43
C LEU A 25 9.06 3.05 7.92
N ALA A 26 9.26 3.26 6.62
CA ALA A 26 8.99 4.55 6.00
C ALA A 26 7.51 4.89 6.10
N MSE A 27 6.66 3.90 5.84
CA MSE A 27 5.23 4.12 5.92
C MSE A 27 4.79 4.41 7.35
O MSE A 27 3.95 5.28 7.58
CB MSE A 27 4.45 2.92 5.38
CG MSE A 27 4.43 2.83 3.85
SE MSE A 27 3.27 1.42 3.19
CE MSE A 27 4.59 0.02 3.05
N PHE A 28 5.34 3.69 8.32
CA PHE A 28 4.98 3.92 9.71
C PHE A 28 5.37 5.34 10.13
N LYS A 29 6.60 5.74 9.80
CA LYS A 29 7.09 7.07 10.13
C LYS A 29 6.17 8.12 9.51
N SER A 30 5.86 7.92 8.23
CA SER A 30 5.01 8.85 7.50
C SER A 30 3.61 8.91 8.11
N ALA A 31 3.06 7.76 8.49
CA ALA A 31 1.73 7.69 9.08
C ALA A 31 1.74 8.31 10.48
N PHE A 32 2.81 8.05 11.23
CA PHE A 32 2.94 8.59 12.57
C PHE A 32 2.96 10.12 12.54
N ASP A 33 3.81 10.68 11.67
CA ASP A 33 3.94 12.13 11.55
C ASP A 33 2.69 12.81 10.99
N GLY A 34 1.90 12.05 10.24
CA GLY A 34 0.69 12.60 9.66
C GLY A 34 -0.49 12.54 10.61
N PHE A 35 -0.84 11.33 11.05
CA PHE A 35 -1.99 11.17 11.94
C PHE A 35 -1.86 11.77 13.33
N LYS A 36 -0.62 12.01 13.79
CA LYS A 36 -0.45 12.58 15.12
C LYS A 36 -1.06 13.98 15.23
N ASN A 37 -1.37 14.58 14.09
CA ASN A 37 -1.98 15.91 14.07
C ASN A 37 -3.49 15.82 14.17
N TYR A 38 -4.02 14.61 14.07
CA TYR A 38 -5.47 14.41 14.14
C TYR A 38 -5.87 13.49 15.28
N TYR A 39 -4.94 12.68 15.76
CA TYR A 39 -5.22 11.76 16.86
C TYR A 39 -4.04 11.69 17.82
N GLU A 40 -4.30 11.16 19.00
CA GLU A 40 -3.23 10.95 19.95
C GLU A 40 -2.84 9.52 19.62
N ILE A 41 -1.62 9.34 19.13
CA ILE A 41 -1.16 8.01 18.74
C ILE A 41 -0.85 7.10 19.91
N THR A 42 -1.36 5.87 19.83
CA THR A 42 -1.09 4.87 20.85
C THR A 42 -0.45 3.72 20.09
N GLY A 43 0.33 2.89 20.77
CA GLY A 43 0.97 1.79 20.10
C GLY A 43 2.36 1.53 20.63
N PHE A 44 3.12 0.71 19.92
CA PHE A 44 4.45 0.32 20.35
C PHE A 44 5.34 0.02 19.14
N VAL A 45 6.64 -0.09 19.37
CA VAL A 45 7.56 -0.40 18.29
C VAL A 45 8.52 -1.50 18.74
N ARG A 46 9.18 -2.13 17.78
CA ARG A 46 10.15 -3.17 18.08
C ARG A 46 11.37 -2.49 18.72
N PRO A 47 12.17 -3.25 19.47
CA PRO A 47 13.36 -2.67 20.11
C PRO A 47 14.30 -1.92 19.17
N GLU A 48 14.56 -2.49 18.00
CA GLU A 48 15.46 -1.88 17.02
C GLU A 48 15.10 -0.45 16.60
N PHE A 49 13.85 -0.06 16.84
CA PHE A 49 13.41 1.28 16.44
C PHE A 49 13.01 2.14 17.63
N SER A 50 13.41 1.73 18.82
CA SER A 50 13.08 2.46 20.03
C SER A 50 13.57 3.91 20.04
N CYS A 51 14.66 4.18 19.32
CA CYS A 51 15.24 5.52 19.26
C CYS A 51 14.58 6.44 18.23
N LEU A 52 13.70 5.90 17.41
CA LEU A 52 13.06 6.69 16.36
C LEU A 52 11.68 7.24 16.67
N PHE A 53 11.00 6.66 17.64
CA PHE A 53 9.65 7.11 17.96
C PHE A 53 9.35 7.32 19.43
N THR A 54 8.46 8.27 19.70
CA THR A 54 8.05 8.57 21.06
C THR A 54 6.92 7.63 21.47
N LEU A 55 7.21 6.33 21.41
CA LEU A 55 6.27 5.29 21.79
C LEU A 55 7.04 4.23 22.58
N PRO A 56 6.34 3.45 23.41
CA PRO A 56 7.04 2.43 24.18
C PRO A 56 7.39 1.25 23.30
N VAL A 57 8.32 0.42 23.78
CA VAL A 57 8.75 -0.78 23.09
C VAL A 57 7.89 -1.92 23.63
N ASP A 58 7.37 -2.76 22.75
CA ASP A 58 6.55 -3.88 23.19
C ASP A 58 6.44 -4.91 22.08
N SER A 59 5.88 -6.07 22.42
CA SER A 59 5.68 -7.16 21.47
C SER A 59 4.28 -7.10 20.89
N MSE A 60 4.15 -7.46 19.62
CA MSE A 60 2.84 -7.47 18.99
C MSE A 60 1.93 -8.45 19.72
O MSE A 60 0.71 -8.37 19.61
CB MSE A 60 2.96 -7.87 17.51
CG MSE A 60 3.47 -9.28 17.27
SE MSE A 60 3.56 -9.67 15.37
CE MSE A 60 1.67 -9.94 15.03
N ASP A 61 2.52 -9.37 20.47
CA ASP A 61 1.73 -10.34 21.22
C ASP A 61 0.86 -9.63 22.28
N SER A 62 1.19 -8.37 22.56
CA SER A 62 0.43 -7.60 23.55
C SER A 62 -0.44 -6.51 22.93
N MSE A 63 -0.64 -6.56 21.62
CA MSE A 63 -1.44 -5.54 20.95
C MSE A 63 -2.88 -5.40 21.44
O MSE A 63 -3.47 -4.31 21.35
CB MSE A 63 -1.42 -5.74 19.43
CG MSE A 63 -1.81 -7.09 18.94
SE MSE A 63 -1.59 -7.19 16.99
CE MSE A 63 -2.94 -5.95 16.55
N GLU A 64 -3.45 -6.45 22.00
CA GLU A 64 -4.81 -6.41 22.51
C GLU A 64 -4.93 -5.29 23.54
N LYS A 65 -3.96 -5.22 24.44
CA LYS A 65 -3.93 -4.23 25.51
C LYS A 65 -4.00 -2.79 24.99
N TYR A 66 -3.43 -2.57 23.80
CA TYR A 66 -3.43 -1.25 23.20
C TYR A 66 -4.76 -1.00 22.49
N LEU A 67 -5.28 -2.03 21.82
CA LEU A 67 -6.55 -1.92 21.13
C LEU A 67 -7.70 -1.62 22.11
N GLU A 68 -7.61 -2.19 23.30
CA GLU A 68 -8.63 -2.00 24.33
C GLU A 68 -8.71 -0.56 24.82
N LYS A 69 -7.66 0.21 24.59
CA LYS A 69 -7.62 1.61 25.03
C LYS A 69 -7.64 2.60 23.87
N SER A 70 -7.94 2.12 22.67
CA SER A 70 -7.96 2.99 21.49
C SER A 70 -9.37 3.28 20.98
N ASP A 71 -9.52 4.39 20.27
CA ASP A 71 -10.81 4.78 19.70
C ASP A 71 -10.87 4.40 18.23
N ALA A 72 -9.70 4.23 17.62
CA ALA A 72 -9.62 3.84 16.22
C ALA A 72 -8.29 3.14 16.01
N PHE A 73 -8.16 2.46 14.87
CA PHE A 73 -6.91 1.78 14.58
C PHE A 73 -6.63 1.84 13.09
N LEU A 74 -5.35 1.68 12.75
CA LEU A 74 -4.89 1.65 11.37
C LEU A 74 -3.77 0.64 11.35
N ILE A 75 -4.00 -0.45 10.63
CA ILE A 75 -3.02 -1.51 10.54
C ILE A 75 -2.40 -1.58 9.15
N ILE A 76 -1.08 -1.52 9.10
CA ILE A 76 -0.34 -1.60 7.85
C ILE A 76 0.48 -2.87 7.93
N ALA A 77 0.21 -3.81 7.04
CA ALA A 77 0.94 -5.06 7.05
C ALA A 77 0.84 -5.75 5.70
N PRO A 78 1.79 -6.64 5.39
CA PRO A 78 1.74 -7.35 4.11
C PRO A 78 0.51 -8.25 4.00
N GLU A 79 -0.02 -8.40 2.80
CA GLU A 79 -1.17 -9.27 2.60
C GLU A 79 -0.74 -10.73 2.74
N ASP A 80 0.55 -10.95 2.50
CA ASP A 80 1.16 -12.28 2.56
C ASP A 80 0.58 -13.21 3.61
N ASP A 81 0.22 -14.41 3.17
CA ASP A 81 -0.35 -15.44 4.05
C ASP A 81 -1.49 -14.93 4.92
N PHE A 82 -2.26 -13.98 4.37
CA PHE A 82 -3.41 -13.42 5.08
C PHE A 82 -3.07 -12.72 6.39
N LEU A 83 -1.85 -12.18 6.47
CA LEU A 83 -1.41 -11.47 7.67
C LEU A 83 -2.22 -10.19 7.88
N LEU A 84 -2.31 -9.35 6.86
CA LEU A 84 -3.07 -8.12 6.95
C LEU A 84 -4.51 -8.46 7.34
N TYR A 85 -5.04 -9.51 6.72
CA TYR A 85 -6.40 -9.95 6.99
C TYR A 85 -6.61 -10.32 8.46
N THR A 86 -5.77 -11.21 8.98
CA THR A 86 -5.94 -11.64 10.37
C THR A 86 -5.74 -10.54 11.39
N LEU A 87 -4.76 -9.67 11.15
CA LEU A 87 -4.51 -8.56 12.06
C LEU A 87 -5.70 -7.60 12.10
N THR A 88 -6.23 -7.30 10.92
CA THR A 88 -7.37 -6.39 10.82
C THR A 88 -8.62 -7.00 11.46
N LYS A 89 -8.87 -8.27 11.16
CA LYS A 89 -10.04 -8.96 11.70
C LYS A 89 -10.01 -8.94 13.22
N LYS A 90 -8.81 -9.07 13.78
CA LYS A 90 -8.63 -9.06 15.23
C LYS A 90 -8.92 -7.67 15.79
N ALA A 91 -8.39 -6.65 15.12
CA ALA A 91 -8.58 -5.28 15.56
C ALA A 91 -10.05 -4.82 15.48
N GLU A 92 -10.76 -5.24 14.43
CA GLU A 92 -12.15 -4.86 14.24
C GLU A 92 -13.02 -5.10 15.46
N LYS A 93 -12.65 -6.09 16.26
CA LYS A 93 -13.40 -6.45 17.46
C LYS A 93 -13.29 -5.40 18.56
N TYR A 94 -12.38 -4.43 18.40
CA TYR A 94 -12.17 -3.42 19.42
C TYR A 94 -12.65 -1.99 19.15
N CYS A 95 -12.21 -1.39 18.05
CA CYS A 95 -12.60 -0.01 17.75
C CYS A 95 -12.74 0.30 16.27
N GLU A 96 -13.03 1.57 15.98
CA GLU A 96 -13.22 2.01 14.60
C GLU A 96 -12.00 1.71 13.75
N ASN A 97 -12.25 1.33 12.50
CA ASN A 97 -11.20 0.99 11.56
C ASN A 97 -11.03 2.13 10.55
N LEU A 98 -9.84 2.72 10.49
CA LEU A 98 -9.59 3.80 9.53
C LEU A 98 -9.21 3.20 8.19
N GLY A 99 -9.02 1.88 8.17
CA GLY A 99 -8.66 1.16 6.96
C GLY A 99 -9.80 0.30 6.45
N SER A 100 -9.50 -0.66 5.59
CA SER A 100 -10.51 -1.54 5.01
C SER A 100 -10.94 -2.68 5.92
N SER A 101 -12.16 -3.18 5.71
CA SER A 101 -12.69 -4.28 6.52
C SER A 101 -11.96 -5.57 6.20
N SER A 102 -11.92 -6.50 7.16
CA SER A 102 -11.24 -7.78 6.94
C SER A 102 -11.93 -8.52 5.80
N ARG A 103 -13.24 -8.31 5.66
CA ARG A 103 -14.01 -8.95 4.61
C ARG A 103 -13.44 -8.57 3.24
N ALA A 104 -13.22 -7.28 3.03
CA ALA A 104 -12.67 -6.77 1.77
C ALA A 104 -11.21 -7.22 1.59
N ILE A 105 -10.45 -7.21 2.67
CA ILE A 105 -9.04 -7.60 2.62
C ILE A 105 -8.88 -9.08 2.26
N ALA A 106 -9.83 -9.91 2.66
CA ALA A 106 -9.74 -11.33 2.34
C ALA A 106 -9.80 -11.52 0.82
N VAL A 107 -10.53 -10.65 0.14
CA VAL A 107 -10.66 -10.73 -1.31
C VAL A 107 -9.43 -10.14 -2.02
N THR A 108 -9.02 -8.95 -1.61
CA THR A 108 -7.86 -8.31 -2.24
C THR A 108 -6.55 -9.00 -1.95
N SER A 109 -6.51 -9.79 -0.87
CA SER A 109 -5.29 -10.50 -0.48
C SER A 109 -5.00 -11.73 -1.33
N ASP A 110 -6.06 -12.28 -1.93
CA ASP A 110 -5.93 -13.46 -2.79
C ASP A 110 -6.15 -13.00 -4.23
N LYS A 111 -5.08 -12.94 -5.00
CA LYS A 111 -5.16 -12.49 -6.39
C LYS A 111 -6.16 -13.29 -7.24
N TRP A 112 -6.33 -14.57 -6.92
CA TRP A 112 -7.27 -15.38 -7.69
C TRP A 112 -8.70 -14.94 -7.38
N GLU A 113 -8.97 -14.71 -6.10
CA GLU A 113 -10.29 -14.26 -5.69
C GLU A 113 -10.53 -12.85 -6.23
N LEU A 114 -9.49 -12.02 -6.20
CA LEU A 114 -9.64 -10.66 -6.70
C LEU A 114 -9.94 -10.68 -8.20
N TYR A 115 -9.27 -11.57 -8.92
CA TYR A 115 -9.50 -11.69 -10.36
C TYR A 115 -10.97 -11.99 -10.65
N LYS A 116 -11.53 -12.99 -9.96
CA LYS A 116 -12.93 -13.35 -10.18
C LYS A 116 -13.87 -12.22 -9.76
N LYS A 117 -13.46 -11.45 -8.77
CA LYS A 117 -14.29 -10.35 -8.28
C LYS A 117 -14.33 -9.19 -9.28
N LEU A 118 -13.20 -8.90 -9.90
CA LEU A 118 -13.10 -7.78 -10.85
C LEU A 118 -13.36 -8.03 -12.33
N ARG A 119 -13.02 -9.21 -12.83
CA ARG A 119 -13.13 -9.52 -14.26
C ARG A 119 -14.33 -9.02 -15.06
N GLY A 120 -15.53 -9.05 -14.48
CA GLY A 120 -16.68 -8.58 -15.22
C GLY A 120 -17.05 -7.14 -14.97
N GLU A 121 -16.23 -6.45 -14.18
CA GLU A 121 -16.51 -5.06 -13.82
C GLU A 121 -15.46 -4.05 -14.24
N VAL A 122 -14.25 -4.51 -14.50
CA VAL A 122 -13.17 -3.61 -14.91
C VAL A 122 -12.13 -4.42 -15.69
N GLN A 123 -11.34 -3.73 -16.52
CA GLN A 123 -10.34 -4.43 -17.30
C GLN A 123 -9.21 -4.99 -16.46
N VAL A 124 -8.99 -6.30 -16.57
CA VAL A 124 -7.91 -6.98 -15.86
C VAL A 124 -7.21 -7.90 -16.86
N PRO A 125 -5.96 -8.28 -16.56
CA PRO A 125 -5.26 -9.15 -17.50
C PRO A 125 -5.76 -10.59 -17.38
N GLN A 126 -5.57 -11.39 -18.44
CA GLN A 126 -6.00 -12.77 -18.39
C GLN A 126 -5.31 -13.39 -17.18
N THR A 127 -6.06 -14.15 -16.39
CA THR A 127 -5.52 -14.78 -15.19
C THR A 127 -6.00 -16.23 -15.11
N SER A 128 -5.13 -17.11 -14.64
CA SER A 128 -5.48 -18.52 -14.54
C SER A 128 -4.69 -19.22 -13.44
N LEU A 129 -5.07 -20.46 -13.12
CA LEU A 129 -4.38 -21.24 -12.11
C LEU A 129 -3.41 -22.20 -12.80
N ARG A 130 -3.39 -22.12 -14.13
CA ARG A 130 -2.53 -22.94 -14.96
C ARG A 130 -1.89 -22.06 -16.03
N PRO A 131 -0.87 -22.56 -16.74
CA PRO A 131 -0.22 -21.76 -17.79
C PRO A 131 -1.21 -21.16 -18.79
N LEU A 132 -0.90 -19.95 -19.25
CA LEU A 132 -1.73 -19.26 -20.23
C LEU A 132 -1.05 -19.35 -21.59
N ASP A 133 -1.82 -19.19 -22.65
CA ASP A 133 -1.26 -19.24 -24.00
C ASP A 133 -0.52 -17.95 -24.31
N CYS A 134 -1.01 -16.84 -23.75
CA CYS A 134 -0.39 -15.54 -23.96
C CYS A 134 0.84 -15.40 -23.05
N LYS A 135 1.70 -14.44 -23.36
CA LYS A 135 2.88 -14.20 -22.54
C LYS A 135 2.37 -13.93 -21.12
N PHE A 136 2.90 -14.67 -20.16
CA PHE A 136 2.46 -14.51 -18.78
C PHE A 136 3.60 -14.67 -17.78
N ILE A 137 3.35 -14.23 -16.55
CA ILE A 137 4.32 -14.36 -15.49
C ILE A 137 3.56 -15.02 -14.36
N ILE A 138 4.27 -15.61 -13.42
CA ILE A 138 3.60 -16.24 -12.29
C ILE A 138 3.82 -15.40 -11.06
N LYS A 139 2.89 -15.48 -10.11
CA LYS A 139 3.02 -14.74 -8.87
C LYS A 139 2.22 -15.44 -7.77
N PRO A 140 2.68 -15.36 -6.52
CA PRO A 140 1.97 -16.00 -5.41
C PRO A 140 0.55 -15.47 -5.29
N ARG A 141 -0.41 -16.34 -4.98
CA ARG A 141 -1.80 -15.90 -4.83
C ARG A 141 -1.90 -14.83 -3.75
N THR A 142 -1.07 -14.93 -2.72
CA THR A 142 -1.07 -13.95 -1.65
C THR A 142 0.36 -13.46 -1.48
N ALA A 143 0.57 -12.16 -1.68
CA ALA A 143 1.89 -11.56 -1.56
C ALA A 143 1.81 -10.10 -1.91
N CYS A 144 2.51 -9.26 -1.16
CA CYS A 144 2.49 -7.82 -1.41
C CYS A 144 3.45 -7.46 -2.55
N ILE A 149 7.69 -13.36 -8.16
CA ILE A 149 7.13 -13.06 -9.47
C ILE A 149 8.18 -13.21 -10.58
N GLY A 150 7.76 -13.76 -11.71
CA GLY A 150 8.68 -13.94 -12.81
C GLY A 150 8.16 -14.91 -13.85
N PHE A 151 8.97 -15.14 -14.89
CA PHE A 151 8.61 -16.05 -15.95
C PHE A 151 8.77 -17.49 -15.46
N SER A 152 7.88 -18.36 -15.91
CA SER A 152 7.92 -19.77 -15.53
C SER A 152 7.06 -20.55 -16.51
N ASP A 153 7.54 -21.72 -16.92
CA ASP A 153 6.78 -22.53 -17.85
C ASP A 153 5.58 -23.15 -17.16
N GLU A 154 5.73 -23.45 -15.87
CA GLU A 154 4.64 -24.04 -15.10
C GLU A 154 4.16 -23.13 -13.98
N VAL A 155 2.97 -23.40 -13.46
CA VAL A 155 2.42 -22.62 -12.37
C VAL A 155 2.48 -23.47 -11.11
N PRO A 156 3.37 -23.12 -10.16
CA PRO A 156 3.46 -23.91 -8.95
C PRO A 156 2.22 -23.75 -8.06
N ASP A 157 1.98 -24.72 -7.19
CA ASP A 157 0.84 -24.67 -6.29
C ASP A 157 0.90 -23.40 -5.45
N GLY A 158 -0.22 -22.70 -5.36
CA GLY A 158 -0.24 -21.48 -4.58
C GLY A 158 0.02 -20.23 -5.40
N HIS A 159 0.28 -20.41 -6.69
CA HIS A 159 0.53 -19.29 -7.59
C HIS A 159 -0.56 -19.15 -8.64
N ILE A 160 -0.57 -18.02 -9.33
CA ILE A 160 -1.52 -17.81 -10.41
C ILE A 160 -0.67 -17.46 -11.61
N ALA A 161 -1.24 -17.64 -12.80
CA ALA A 161 -0.57 -17.28 -14.04
C ALA A 161 -1.30 -16.01 -14.45
N GLN A 162 -0.57 -15.00 -14.90
CA GLN A 162 -1.21 -13.77 -15.31
C GLN A 162 -0.54 -13.12 -16.49
N GLU A 163 -1.36 -12.80 -17.49
CA GLU A 163 -0.91 -12.15 -18.71
C GLU A 163 -0.03 -10.95 -18.38
N PHE A 164 1.10 -10.85 -19.07
CA PHE A 164 2.00 -9.73 -18.86
C PHE A 164 1.52 -8.55 -19.69
N ILE A 165 1.30 -7.43 -19.03
CA ILE A 165 0.83 -6.23 -19.72
C ILE A 165 2.02 -5.29 -19.88
N GLU A 166 2.33 -4.95 -21.13
CA GLU A 166 3.45 -4.06 -21.42
C GLU A 166 2.98 -2.62 -21.51
N GLY A 167 3.56 -1.77 -20.66
CA GLY A 167 3.19 -0.37 -20.68
C GLY A 167 3.65 0.39 -19.44
N ILE A 168 3.03 1.55 -19.23
CA ILE A 168 3.36 2.41 -18.09
C ILE A 168 2.83 1.77 -16.81
N ASN A 169 3.73 1.55 -15.83
CA ASN A 169 3.33 0.97 -14.55
C ASN A 169 2.97 2.08 -13.59
N LEU A 170 1.75 2.04 -13.07
CA LEU A 170 1.27 3.09 -12.17
C LEU A 170 0.49 2.53 -10.99
N SER A 171 0.14 3.44 -10.08
CA SER A 171 -0.67 3.10 -8.92
C SER A 171 -1.49 4.35 -8.62
N VAL A 172 -2.72 4.14 -8.15
CA VAL A 172 -3.60 5.25 -7.83
C VAL A 172 -3.94 5.18 -6.35
N SER A 173 -3.71 6.28 -5.65
CA SER A 173 -3.99 6.38 -4.23
C SER A 173 -5.39 6.97 -4.09
N LEU A 174 -6.28 6.20 -3.48
CA LEU A 174 -7.66 6.63 -3.32
C LEU A 174 -8.12 6.69 -1.87
N ALA A 175 -9.08 7.57 -1.61
CA ALA A 175 -9.67 7.72 -0.28
C ALA A 175 -11.08 7.19 -0.47
N VAL A 176 -11.37 6.04 0.13
CA VAL A 176 -12.68 5.41 0.00
C VAL A 176 -13.57 5.66 1.20
N GLY A 177 -14.69 6.33 0.96
CA GLY A 177 -15.64 6.63 2.02
C GLY A 177 -17.03 6.71 1.43
N GLU A 178 -17.75 7.78 1.74
CA GLU A 178 -19.09 7.97 1.20
C GLU A 178 -18.93 7.93 -0.32
N ASP A 179 -17.83 8.52 -0.78
CA ASP A 179 -17.49 8.56 -2.19
C ASP A 179 -16.04 8.12 -2.33
N VAL A 180 -15.57 8.00 -3.56
CA VAL A 180 -14.18 7.61 -3.80
C VAL A 180 -13.47 8.84 -4.35
N LYS A 181 -12.39 9.23 -3.69
CA LYS A 181 -11.65 10.42 -4.12
C LYS A 181 -10.21 10.07 -4.44
N CYS A 182 -9.70 10.59 -5.56
CA CYS A 182 -8.32 10.34 -5.96
C CYS A 182 -7.41 11.27 -5.19
N LEU A 183 -6.45 10.70 -4.49
CA LEU A 183 -5.50 11.48 -3.72
C LEU A 183 -4.22 11.73 -4.51
N SER A 184 -3.84 10.74 -5.31
CA SER A 184 -2.62 10.85 -6.09
C SER A 184 -2.49 9.73 -7.11
N VAL A 185 -1.83 10.03 -8.22
CA VAL A 185 -1.56 9.04 -9.25
C VAL A 185 -0.04 8.96 -9.29
N ASN A 186 0.49 7.78 -9.03
CA ASN A 186 1.94 7.58 -8.96
C ASN A 186 2.50 6.69 -10.04
N GLU A 187 3.74 6.95 -10.40
CA GLU A 187 4.43 6.16 -11.41
C GLU A 187 5.30 5.15 -10.66
N GLN A 188 5.28 3.91 -11.11
CA GLN A 188 6.09 2.88 -10.45
C GLN A 188 7.28 2.53 -11.34
N ILE A 189 8.45 2.41 -10.71
CA ILE A 189 9.65 2.04 -11.45
C ILE A 189 9.98 0.61 -11.04
N ILE A 190 9.87 -0.32 -11.99
CA ILE A 190 10.10 -1.72 -11.70
C ILE A 190 11.38 -2.29 -12.27
N ASN A 191 12.03 -3.13 -11.46
CA ASN A 191 13.27 -3.80 -11.84
C ASN A 191 13.14 -5.27 -11.44
N ASN A 192 13.20 -6.16 -12.42
CA ASN A 192 13.09 -7.58 -12.17
C ASN A 192 11.77 -7.90 -11.45
N PHE A 193 10.69 -7.32 -11.94
CA PHE A 193 9.36 -7.56 -11.38
C PHE A 193 9.23 -7.08 -9.93
N ARG A 194 10.16 -6.23 -9.51
CA ARG A 194 10.14 -5.69 -8.15
C ARG A 194 10.14 -4.17 -8.20
N TYR A 195 9.32 -3.56 -7.35
CA TYR A 195 9.24 -2.10 -7.30
C TYR A 195 10.54 -1.53 -6.74
N ALA A 196 11.23 -0.73 -7.54
CA ALA A 196 12.49 -0.12 -7.13
C ALA A 196 12.28 1.34 -6.74
N GLY A 197 11.17 1.92 -7.17
CA GLY A 197 10.89 3.30 -6.83
C GLY A 197 9.57 3.78 -7.39
N ALA A 198 9.21 5.01 -7.03
CA ALA A 198 7.97 5.62 -7.50
C ALA A 198 8.22 7.10 -7.75
N VAL A 199 7.41 7.68 -8.62
CA VAL A 199 7.51 9.10 -8.94
C VAL A 199 6.13 9.67 -8.62
N VAL A 200 6.11 10.66 -7.72
CA VAL A 200 4.86 11.28 -7.28
C VAL A 200 4.89 12.80 -7.52
N PRO A 201 3.99 13.31 -8.39
CA PRO A 201 2.98 12.58 -9.15
C PRO A 201 3.56 11.94 -10.41
N ALA A 202 2.80 11.04 -11.03
CA ALA A 202 3.25 10.36 -12.23
C ALA A 202 3.53 11.30 -13.38
N ARG A 203 4.52 10.94 -14.19
CA ARG A 203 4.88 11.73 -15.36
C ARG A 203 4.07 11.18 -16.53
N ILE A 204 2.78 11.51 -16.53
CA ILE A 204 1.86 11.05 -17.57
C ILE A 204 0.98 12.20 -18.05
N SER A 205 0.38 12.03 -19.23
CA SER A 205 -0.49 13.05 -19.78
C SER A 205 -1.76 13.10 -18.94
N ASP A 206 -2.48 14.21 -19.05
CA ASP A 206 -3.72 14.37 -18.29
C ASP A 206 -4.77 13.35 -18.71
N GLU A 207 -4.82 13.03 -20.00
CA GLU A 207 -5.81 12.08 -20.48
C GLU A 207 -5.55 10.70 -19.88
N VAL A 208 -4.30 10.27 -19.90
CA VAL A 208 -3.93 8.97 -19.33
C VAL A 208 -4.27 8.94 -17.84
N LYS A 209 -4.00 10.05 -17.17
CA LYS A 209 -4.29 10.16 -15.75
C LYS A 209 -5.79 9.96 -15.52
N ARG A 210 -6.60 10.70 -16.26
CA ARG A 210 -8.05 10.60 -16.12
C ARG A 210 -8.55 9.16 -16.31
N GLU A 211 -8.08 8.51 -17.36
CA GLU A 211 -8.49 7.13 -17.65
C GLU A 211 -8.08 6.16 -16.53
N VAL A 212 -6.83 6.29 -16.08
CA VAL A 212 -6.32 5.43 -15.03
C VAL A 212 -7.08 5.63 -13.72
N VAL A 213 -7.42 6.88 -13.41
CA VAL A 213 -8.18 7.17 -12.20
C VAL A 213 -9.59 6.60 -12.36
N GLU A 214 -10.18 6.80 -13.52
CA GLU A 214 -11.54 6.30 -13.77
C GLU A 214 -11.63 4.79 -13.57
N GLU A 215 -10.64 4.07 -14.08
CA GLU A 215 -10.65 2.61 -13.94
C GLU A 215 -10.29 2.15 -12.53
N ALA A 216 -9.46 2.93 -11.83
CA ALA A 216 -9.08 2.58 -10.46
C ALA A 216 -10.32 2.70 -9.58
N VAL A 217 -11.09 3.76 -9.79
CA VAL A 217 -12.32 3.97 -9.04
C VAL A 217 -13.29 2.85 -9.34
N ARG A 218 -13.42 2.51 -10.62
CA ARG A 218 -14.34 1.46 -11.03
C ARG A 218 -13.99 0.14 -10.32
N ALA A 219 -12.69 -0.11 -10.15
CA ALA A 219 -12.22 -1.31 -9.49
C ALA A 219 -12.60 -1.38 -8.01
N VAL A 220 -12.33 -0.31 -7.27
CA VAL A 220 -12.65 -0.31 -5.84
C VAL A 220 -14.13 -0.35 -5.55
N GLU A 221 -14.95 0.20 -6.44
CA GLU A 221 -16.39 0.20 -6.21
C GLU A 221 -16.94 -1.23 -6.31
N CYS A 222 -16.13 -2.15 -6.80
CA CYS A 222 -16.51 -3.56 -6.92
C CYS A 222 -16.40 -4.31 -5.61
N VAL A 223 -15.49 -3.87 -4.75
CA VAL A 223 -15.24 -4.54 -3.48
C VAL A 223 -15.85 -3.87 -2.25
N GLU A 224 -16.93 -4.44 -1.74
CA GLU A 224 -17.58 -3.90 -0.55
C GLU A 224 -16.64 -4.07 0.64
N GLY A 225 -16.55 -3.04 1.47
CA GLY A 225 -15.69 -3.13 2.63
C GLY A 225 -14.44 -2.26 2.56
N LEU A 226 -14.02 -1.89 1.35
CA LEU A 226 -12.84 -1.05 1.23
C LEU A 226 -13.20 0.25 1.92
N ASN A 227 -12.23 0.83 2.61
CA ASN A 227 -12.47 2.06 3.36
C ASN A 227 -11.14 2.73 3.66
N GLY A 228 -11.12 4.06 3.60
CA GLY A 228 -9.90 4.79 3.90
C GLY A 228 -8.96 4.80 2.71
N TYR A 229 -7.66 4.77 2.98
CA TYR A 229 -6.67 4.78 1.91
C TYR A 229 -6.56 3.41 1.26
N VAL A 230 -6.68 3.39 -0.06
CA VAL A 230 -6.57 2.16 -0.84
C VAL A 230 -5.69 2.45 -2.06
N GLY A 231 -4.76 1.54 -2.34
CA GLY A 231 -3.90 1.72 -3.49
C GLY A 231 -4.30 0.76 -4.59
N VAL A 232 -4.30 1.21 -5.83
CA VAL A 232 -4.65 0.34 -6.95
C VAL A 232 -3.51 0.32 -7.96
N ASP A 233 -2.95 -0.87 -8.22
CA ASP A 233 -1.87 -1.00 -9.18
C ASP A 233 -2.44 -1.18 -10.57
N ILE A 234 -1.93 -0.39 -11.51
CA ILE A 234 -2.39 -0.43 -12.89
C ILE A 234 -1.26 -0.34 -13.90
N VAL A 235 -1.45 -0.98 -15.05
CA VAL A 235 -0.48 -0.91 -16.13
C VAL A 235 -1.26 -0.35 -17.31
N TYR A 236 -0.76 0.73 -17.89
CA TYR A 236 -1.43 1.33 -19.03
C TYR A 236 -0.72 0.96 -20.32
N SER A 237 -1.36 0.11 -21.12
CA SER A 237 -0.82 -0.30 -22.41
C SER A 237 -1.52 0.60 -23.41
N ASP A 238 -2.69 0.17 -23.86
CA ASP A 238 -3.49 0.98 -24.79
C ASP A 238 -4.70 1.44 -23.98
N GLN A 239 -4.82 0.89 -22.76
CA GLN A 239 -5.91 1.22 -21.85
C GLN A 239 -5.48 0.79 -20.45
N PRO A 240 -6.21 1.22 -19.41
CA PRO A 240 -5.83 0.82 -18.05
C PRO A 240 -6.19 -0.63 -17.75
N TYR A 241 -5.22 -1.36 -17.20
CA TYR A 241 -5.41 -2.75 -16.79
C TYR A 241 -5.17 -2.76 -15.27
N VAL A 242 -6.15 -3.21 -14.51
CA VAL A 242 -6.03 -3.28 -13.06
C VAL A 242 -5.32 -4.58 -12.69
N ILE A 243 -4.18 -4.44 -12.01
CA ILE A 243 -3.35 -5.57 -11.62
C ILE A 243 -3.51 -6.00 -10.16
N GLU A 244 -3.66 -5.03 -9.27
CA GLU A 244 -3.75 -5.35 -7.85
C GLU A 244 -4.41 -4.24 -7.05
N ILE A 245 -4.97 -4.62 -5.91
CA ILE A 245 -5.59 -3.66 -5.02
C ILE A 245 -5.01 -3.85 -3.63
N ASN A 246 -4.32 -2.83 -3.14
CA ASN A 246 -3.73 -2.89 -1.80
C ASN A 246 -4.65 -2.12 -0.86
N ALA A 247 -5.38 -2.87 -0.04
CA ALA A 247 -6.31 -2.27 0.90
C ALA A 247 -5.55 -1.89 2.16
N ARG A 248 -4.59 -0.98 1.99
CA ARG A 248 -3.72 -0.53 3.08
C ARG A 248 -2.84 0.57 2.50
N LEU A 249 -2.13 1.28 3.38
CA LEU A 249 -1.22 2.31 2.92
C LEU A 249 -0.19 1.66 2.00
N THR A 250 0.28 2.40 1.01
CA THR A 250 1.30 1.90 0.09
C THR A 250 2.46 2.90 0.14
N THR A 251 3.66 2.43 -0.21
CA THR A 251 4.86 3.25 -0.15
C THR A 251 4.82 4.68 -0.72
N PRO A 252 4.15 4.89 -1.86
CA PRO A 252 4.08 6.24 -2.43
C PRO A 252 3.58 7.31 -1.45
N VAL A 253 2.88 6.87 -0.40
CA VAL A 253 2.35 7.78 0.60
C VAL A 253 3.45 8.58 1.31
N VAL A 254 4.63 7.99 1.46
CA VAL A 254 5.71 8.67 2.15
C VAL A 254 6.11 9.98 1.47
N ALA A 255 5.85 10.09 0.16
CA ALA A 255 6.21 11.30 -0.57
C ALA A 255 5.18 12.42 -0.53
N PHE A 256 3.99 12.14 0.01
CA PHE A 256 2.94 13.15 0.04
C PHE A 256 3.29 14.51 0.68
N SER A 257 3.91 14.51 1.84
CA SER A 257 4.25 15.78 2.48
C SER A 257 5.13 16.68 1.61
N ARG A 258 6.19 16.11 1.06
CA ARG A 258 7.08 16.88 0.20
C ARG A 258 6.42 17.20 -1.14
N ALA A 259 5.81 16.21 -1.77
CA ALA A 259 5.17 16.42 -3.06
C ALA A 259 3.95 17.33 -3.05
N TYR A 260 3.09 17.19 -2.03
CA TYR A 260 1.85 17.96 -1.99
C TYR A 260 1.64 18.94 -0.85
N GLY A 261 2.52 18.89 0.15
CA GLY A 261 2.37 19.77 1.30
C GLY A 261 1.22 19.28 2.16
N ALA A 262 0.86 18.01 1.99
CA ALA A 262 -0.23 17.41 2.75
C ALA A 262 0.07 15.93 2.96
N SER A 263 -0.14 15.45 4.18
CA SER A 263 0.11 14.04 4.51
C SER A 263 -1.13 13.25 4.12
N VAL A 264 -1.02 11.92 4.11
CA VAL A 264 -2.18 11.10 3.79
C VAL A 264 -3.26 11.39 4.83
N ALA A 265 -2.85 11.75 6.04
CA ALA A 265 -3.79 12.07 7.11
C ALA A 265 -4.56 13.33 6.76
N ASP A 266 -3.85 14.33 6.26
CA ASP A 266 -4.47 15.59 5.87
C ASP A 266 -5.48 15.32 4.77
N LEU A 267 -5.07 14.52 3.79
CA LEU A 267 -5.91 14.19 2.65
C LEU A 267 -7.16 13.38 3.06
N LEU A 268 -6.98 12.43 3.97
CA LEU A 268 -8.12 11.63 4.41
C LEU A 268 -9.06 12.49 5.23
N ALA A 269 -8.53 13.57 5.81
CA ALA A 269 -9.32 14.48 6.62
C ALA A 269 -10.04 15.53 5.77
N GLY A 270 -9.97 15.39 4.46
CA GLY A 270 -10.64 16.34 3.58
C GLY A 270 -9.76 17.50 3.16
N GLY A 271 -8.55 17.56 3.70
CA GLY A 271 -7.64 18.63 3.36
C GLY A 271 -7.24 18.52 1.90
N GLU A 272 -6.80 19.62 1.31
CA GLU A 272 -6.39 19.58 -0.08
C GLU A 272 -4.89 19.80 -0.26
N VAL A 273 -4.43 19.55 -1.48
CA VAL A 273 -3.02 19.72 -1.84
C VAL A 273 -2.65 21.19 -1.69
N LYS A 274 -1.44 21.45 -1.19
CA LYS A 274 -0.97 22.82 -0.99
C LYS A 274 -0.04 23.27 -2.11
N HIS A 275 0.64 22.31 -2.72
CA HIS A 275 1.55 22.58 -3.82
C HIS A 275 1.85 21.27 -4.54
N VAL A 276 2.56 21.37 -5.66
CA VAL A 276 2.95 20.18 -6.40
C VAL A 276 4.44 20.30 -6.69
N ARG A 277 5.21 19.41 -6.07
CA ARG A 277 6.65 19.36 -6.23
C ARG A 277 6.98 17.89 -6.43
N ARG A 278 7.09 17.48 -7.69
CA ARG A 278 7.36 16.09 -8.02
C ARG A 278 8.54 15.47 -7.26
N GLN A 279 8.28 14.33 -6.66
CA GLN A 279 9.28 13.61 -5.87
C GLN A 279 9.57 12.24 -6.45
N MSE A 280 10.77 11.73 -6.19
CA MSE A 280 11.11 10.38 -6.59
C MSE A 280 11.41 9.63 -5.30
O MSE A 280 12.26 10.04 -4.51
CB MSE A 280 12.35 10.31 -7.49
CG MSE A 280 12.79 8.85 -7.74
SE MSE A 280 14.27 8.59 -8.96
CE MSE A 280 13.27 8.51 -10.62
N VAL A 281 10.70 8.52 -5.08
CA VAL A 281 10.95 7.70 -3.91
C VAL A 281 11.74 6.51 -4.45
N ARG A 282 12.84 6.15 -3.81
CA ARG A 282 13.59 5.01 -4.31
C ARG A 282 14.28 4.23 -3.21
N LYS A 283 14.34 2.92 -3.43
CA LYS A 283 14.98 2.02 -2.48
C LYS A 283 16.41 1.89 -2.97
N SER A 284 17.36 1.98 -2.05
CA SER A 284 18.76 1.89 -2.40
C SER A 284 19.57 1.27 -1.27
N LYS A 285 20.88 1.18 -1.49
CA LYS A 285 21.79 0.63 -0.50
C LYS A 285 22.69 1.74 0.03
N SER A 286 22.64 1.96 1.34
CA SER A 286 23.47 2.97 1.98
C SER A 286 23.49 4.35 1.35
N ALA A 287 22.32 4.87 0.98
CA ALA A 287 22.26 6.21 0.40
C ALA A 287 22.70 7.20 1.49
N GLU A 288 23.38 8.26 1.09
CA GLU A 288 23.87 9.25 2.03
C GLU A 288 22.79 10.06 2.74
N LYS A 289 21.73 10.40 2.02
CA LYS A 289 20.64 11.21 2.58
C LYS A 289 19.29 10.49 2.49
N PRO A 290 19.09 9.47 3.34
CA PRO A 290 17.83 8.72 3.31
C PRO A 290 16.73 9.31 4.19
N TYR A 291 15.52 8.82 3.99
CA TYR A 291 14.36 9.22 4.77
C TYR A 291 14.41 8.31 6.00
N VAL A 292 14.65 7.02 5.76
CA VAL A 292 14.77 6.02 6.82
C VAL A 292 15.72 4.92 6.34
N SER A 293 16.29 4.18 7.28
CA SER A 293 17.21 3.10 6.94
C SER A 293 16.93 1.87 7.79
N VAL A 294 17.24 0.70 7.24
CA VAL A 294 17.10 -0.58 7.93
C VAL A 294 18.27 -1.41 7.42
N GLY A 295 19.24 -1.66 8.29
CA GLY A 295 20.40 -2.42 7.87
C GLY A 295 21.14 -1.60 6.83
N ASP A 296 21.47 -2.21 5.70
CA ASP A 296 22.18 -1.51 4.62
C ASP A 296 21.21 -0.92 3.61
N TYR A 297 19.91 -1.07 3.85
CA TYR A 297 18.90 -0.54 2.95
C TYR A 297 18.42 0.84 3.36
N THR A 298 18.23 1.70 2.37
CA THR A 298 17.76 3.05 2.61
C THR A 298 16.63 3.38 1.65
N LEU A 299 15.72 4.25 2.09
CA LEU A 299 14.62 4.66 1.25
C LEU A 299 14.77 6.18 1.18
N GLU A 300 14.86 6.70 -0.04
CA GLU A 300 15.03 8.13 -0.23
C GLU A 300 13.80 8.74 -0.86
N ILE A 301 13.67 10.05 -0.67
CA ILE A 301 12.59 10.84 -1.25
C ILE A 301 13.32 12.11 -1.72
N ILE A 302 13.43 12.28 -3.04
CA ILE A 302 14.16 13.42 -3.59
C ILE A 302 13.35 14.22 -4.62
N ASP A 303 13.62 15.51 -4.72
CA ASP A 303 12.93 16.34 -5.70
C ASP A 303 13.33 15.85 -7.09
N LEU A 304 12.36 15.77 -7.98
CA LEU A 304 12.58 15.34 -9.37
C LEU A 304 12.18 16.50 -10.28
N ASP A 305 13.01 16.77 -11.28
CA ASP A 305 12.85 17.88 -12.24
C ASP A 305 12.82 19.23 -11.53
C ACT B . 4.17 -3.59 5.01
O ACT B . 3.50 -3.60 4.00
OXT ACT B . 3.64 -3.49 6.11
CH3 ACT B . 5.67 -3.69 4.92
#